data_3S7D
#
_entry.id   3S7D
#
_cell.length_a   153.835
_cell.length_b   153.835
_cell.length_c   52.727
_cell.angle_alpha   90.00
_cell.angle_beta   90.00
_cell.angle_gamma   90.00
#
_symmetry.space_group_name_H-M   'I 4'
#
loop_
_entity.id
_entity.type
_entity.pdbx_description
1 polymer 'N-lysine methyltransferase SMYD2'
2 polymer 'Monomethylated p53 peptide'
3 non-polymer S-ADENOSYL-L-HOMOCYSTEINE
4 non-polymer (R,R)-2,3-BUTANEDIOL
5 non-polymer 'ZINC ION'
6 water water
#
loop_
_entity_poly.entity_id
_entity_poly.type
_entity_poly.pdbx_seq_one_letter_code
_entity_poly.pdbx_strand_id
1 'polypeptide(L)'
;MRAEGLGGLERFCSPGKGRGLRALQPFQVGDLLFSCPAYAYVLTVNERGNHCEYCFTRKEGLSKCGRCKQAFYCNVECQK
EDWPMHKLECSPMVVFGENWNPSETVRLTARILAKQKIHPERTPSEKLLAVKEFESHLDKLDNEKKDLIQSDIAALHHFY
SKHLEFPDNDSLVVLFAQVNCNGFTIEDEELSHLGSAIFPDVALMNHSCCPNVIVTYKGTLAEVRAVQEIKPGEEVFTSY
IDLLYPTEDRNDRLRDSYFFTCECQECTTKDKDKAKVEIRKLSDPPKAEAIRDMVRYARNVIEEFRRAKHYKSPSELLEI
CELSQEKMSSVFEDSNVYMLHMMYQAMGVCLYMQDWEGALQYGQKIIKPYSKHYPLYSLNVASMWLKLGRLYMGLEHKAA
GEKALKKAIAIMEVAHGKDHPYISEIKQEIESH
;
A
2 'polypeptide(L)' SSHL(MLZ)SKKGQSTS I
#
# COMPACT_ATOMS: atom_id res chain seq x y z
N GLY A 5 20.56 3.01 -17.85
CA GLY A 5 20.02 2.15 -16.80
C GLY A 5 20.31 2.62 -15.38
N LEU A 6 20.41 1.66 -14.41
CA LEU A 6 20.69 1.92 -12.98
C LEU A 6 21.96 1.17 -12.56
N GLY A 7 22.94 1.89 -12.02
CA GLY A 7 24.20 1.32 -11.54
C GLY A 7 24.03 0.15 -10.57
N GLY A 8 24.80 -0.91 -10.81
CA GLY A 8 24.77 -2.13 -10.01
C GLY A 8 23.58 -3.04 -10.22
N LEU A 9 22.72 -2.70 -11.18
CA LEU A 9 21.52 -3.47 -11.49
C LEU A 9 21.31 -3.56 -13.00
N GLU A 10 20.40 -4.46 -13.43
CA GLU A 10 20.02 -4.56 -14.84
C GLU A 10 18.68 -5.25 -15.04
N ARG A 11 18.02 -4.90 -16.14
CA ARG A 11 16.79 -5.55 -16.59
C ARG A 11 17.24 -6.86 -17.26
N PHE A 12 16.46 -7.92 -17.07
CA PHE A 12 16.70 -9.24 -17.66
C PHE A 12 15.37 -9.99 -17.86
N CYS A 13 15.43 -11.11 -18.54
CA CYS A 13 14.31 -12.00 -18.76
C CYS A 13 14.34 -13.05 -17.66
N SER A 14 13.37 -12.95 -16.76
CA SER A 14 13.21 -13.85 -15.62
C SER A 14 12.35 -15.01 -16.10
N PRO A 15 12.91 -16.24 -16.19
CA PRO A 15 12.11 -17.39 -16.70
C PRO A 15 10.79 -17.60 -15.94
N GLY A 16 9.68 -17.52 -16.67
CA GLY A 16 8.36 -17.67 -16.08
C GLY A 16 7.83 -16.44 -15.35
N LYS A 17 8.56 -15.30 -15.42
CA LYS A 17 8.20 -14.06 -14.72
C LYS A 17 8.41 -12.84 -15.61
N GLY A 18 8.44 -13.05 -16.93
CA GLY A 18 8.62 -11.99 -17.91
C GLY A 18 9.93 -11.25 -17.73
N ARG A 19 9.86 -9.92 -17.64
CA ARG A 19 11.04 -9.10 -17.40
C ARG A 19 11.20 -8.87 -15.90
N GLY A 20 12.43 -8.79 -15.45
CA GLY A 20 12.71 -8.54 -14.05
C GLY A 20 13.95 -7.71 -13.82
N LEU A 21 14.27 -7.48 -12.54
CA LEU A 21 15.45 -6.72 -12.13
C LEU A 21 16.47 -7.64 -11.44
N ARG A 22 17.72 -7.61 -11.91
CA ARG A 22 18.81 -8.45 -11.43
C ARG A 22 19.96 -7.61 -10.88
N ALA A 23 20.55 -8.05 -9.76
CA ALA A 23 21.70 -7.41 -9.12
C ALA A 23 23.00 -7.78 -9.86
N LEU A 24 23.89 -6.81 -10.00
CA LEU A 24 25.20 -7.01 -10.65
C LEU A 24 26.32 -6.73 -9.62
N GLN A 25 25.92 -6.43 -8.39
CA GLN A 25 26.81 -6.06 -7.30
C GLN A 25 26.12 -6.52 -6.00
N PRO A 26 26.88 -6.77 -4.91
CA PRO A 26 26.22 -7.14 -3.64
C PRO A 26 25.49 -5.97 -3.01
N PHE A 27 24.41 -6.26 -2.29
CA PHE A 27 23.64 -5.27 -1.51
C PHE A 27 23.47 -5.86 -0.11
N GLN A 28 23.78 -5.07 0.92
CA GLN A 28 23.63 -5.53 2.31
C GLN A 28 22.33 -5.02 2.86
N VAL A 29 21.81 -5.67 3.92
CA VAL A 29 20.57 -5.26 4.59
C VAL A 29 20.63 -3.73 4.88
N GLY A 30 19.59 -3.01 4.43
CA GLY A 30 19.50 -1.58 4.64
C GLY A 30 20.10 -0.71 3.55
N ASP A 31 20.81 -1.30 2.58
CA ASP A 31 21.39 -0.52 1.47
C ASP A 31 20.28 -0.09 0.51
N LEU A 32 20.42 1.13 -0.04
CA LEU A 32 19.56 1.72 -1.05
C LEU A 32 20.02 1.18 -2.41
N LEU A 33 19.16 0.44 -3.10
CA LEU A 33 19.49 -0.12 -4.42
C LEU A 33 19.36 1.01 -5.43
N PHE A 34 18.23 1.73 -5.39
CA PHE A 34 17.92 2.84 -6.26
C PHE A 34 16.71 3.61 -5.75
N SER A 35 16.53 4.80 -6.34
CA SER A 35 15.46 5.76 -6.12
C SER A 35 14.74 5.93 -7.45
N CYS A 36 13.43 6.20 -7.40
CA CYS A 36 12.67 6.40 -8.62
C CYS A 36 11.70 7.56 -8.43
N PRO A 37 11.89 8.70 -9.14
CA PRO A 37 10.91 9.80 -9.00
C PRO A 37 9.58 9.41 -9.65
N ALA A 38 8.47 9.84 -9.04
CA ALA A 38 7.13 9.48 -9.57
C ALA A 38 6.99 9.99 -10.98
N TYR A 39 6.53 9.09 -11.88
CA TYR A 39 6.28 9.44 -13.27
C TYR A 39 4.97 10.29 -13.29
N ALA A 40 3.94 9.80 -12.57
CA ALA A 40 2.66 10.47 -12.40
C ALA A 40 2.22 10.11 -11.00
N TYR A 41 1.49 11.01 -10.34
CA TYR A 41 1.07 10.80 -8.95
C TYR A 41 -0.10 11.68 -8.64
N VAL A 42 -0.86 11.26 -7.67
CA VAL A 42 -2.03 12.02 -7.26
C VAL A 42 -2.19 11.93 -5.72
N LEU A 43 -2.40 13.07 -5.05
CA LEU A 43 -2.67 13.04 -3.61
C LEU A 43 -4.15 12.63 -3.43
N THR A 44 -4.40 11.65 -2.54
CA THR A 44 -5.77 11.18 -2.27
C THR A 44 -6.66 12.34 -1.76
N VAL A 45 -7.95 12.37 -2.16
CA VAL A 45 -8.90 13.42 -1.75
C VAL A 45 -8.91 13.67 -0.22
N ASN A 46 -8.97 12.59 0.59
CA ASN A 46 -9.01 12.69 2.05
C ASN A 46 -7.77 13.26 2.73
N GLU A 47 -6.66 13.39 1.99
CA GLU A 47 -5.43 13.95 2.51
C GLU A 47 -5.18 15.41 2.11
N ARG A 48 -6.10 15.99 1.32
CA ARG A 48 -6.00 17.40 0.90
C ARG A 48 -6.09 18.28 2.15
N GLY A 49 -5.15 19.22 2.26
CA GLY A 49 -5.06 20.09 3.41
C GLY A 49 -4.02 19.62 4.40
N ASN A 50 -3.66 18.31 4.37
CA ASN A 50 -2.68 17.69 5.26
C ASN A 50 -1.30 17.60 4.64
N HIS A 51 -1.26 17.38 3.32
CA HIS A 51 -0.03 17.21 2.55
C HIS A 51 -0.07 18.14 1.37
N CYS A 52 1.12 18.60 0.96
CA CYS A 52 1.27 19.43 -0.23
C CYS A 52 0.99 18.54 -1.44
N GLU A 53 0.15 19.02 -2.34
CA GLU A 53 -0.28 18.42 -3.60
C GLU A 53 0.96 18.07 -4.47
N TYR A 54 1.94 19.00 -4.55
CA TYR A 54 3.12 18.83 -5.39
C TYR A 54 4.23 17.89 -4.87
N CYS A 55 4.64 18.09 -3.62
CA CYS A 55 5.75 17.34 -3.06
C CYS A 55 5.37 16.37 -1.94
N PHE A 56 4.09 16.34 -1.53
CA PHE A 56 3.56 15.44 -0.47
C PHE A 56 4.11 15.71 0.94
N THR A 57 4.74 16.89 1.16
CA THR A 57 5.24 17.29 2.48
C THR A 57 4.03 17.43 3.42
N ARG A 58 4.09 16.75 4.56
CA ARG A 58 3.05 16.85 5.58
C ARG A 58 3.45 18.02 6.48
N LYS A 59 2.63 19.08 6.46
CA LYS A 59 2.87 20.30 7.22
C LYS A 59 1.60 21.08 7.54
N GLU A 60 1.68 21.92 8.56
CA GLU A 60 0.62 22.82 8.99
C GLU A 60 0.81 24.07 8.15
N GLY A 61 -0.26 24.85 7.98
CA GLY A 61 -0.22 26.11 7.25
C GLY A 61 0.06 26.02 5.77
N LEU A 62 -0.48 24.97 5.12
CA LEU A 62 -0.37 24.82 3.67
C LEU A 62 -1.29 25.87 3.01
N SER A 63 -0.82 26.48 1.91
CA SER A 63 -1.55 27.49 1.14
C SER A 63 -2.59 26.82 0.22
N LYS A 64 -3.83 27.30 0.27
CA LYS A 64 -4.99 26.82 -0.49
C LYS A 64 -5.02 27.46 -1.90
N CYS A 65 -5.31 26.65 -2.97
CA CYS A 65 -5.46 27.18 -4.34
C CYS A 65 -6.69 28.09 -4.31
N GLY A 66 -6.52 29.34 -4.72
CA GLY A 66 -7.56 30.36 -4.70
C GLY A 66 -8.78 30.10 -5.57
N ARG A 67 -8.62 29.35 -6.65
CA ARG A 67 -9.74 29.08 -7.57
C ARG A 67 -10.66 27.96 -7.12
N CYS A 68 -10.09 26.77 -6.90
CA CYS A 68 -10.88 25.60 -6.53
C CYS A 68 -11.03 25.48 -5.03
N LYS A 69 -10.05 26.00 -4.25
CA LYS A 69 -10.01 25.91 -2.76
C LYS A 69 -9.89 24.42 -2.29
N GLN A 70 -9.48 23.52 -3.21
CA GLN A 70 -9.39 22.09 -2.97
C GLN A 70 -8.03 21.46 -3.34
N ALA A 71 -6.99 22.27 -3.28
CA ALA A 71 -5.59 21.89 -3.49
C ALA A 71 -4.78 22.78 -2.56
N PHE A 72 -3.82 22.18 -1.84
CA PHE A 72 -3.00 22.87 -0.85
C PHE A 72 -1.54 22.64 -1.14
N TYR A 73 -0.73 23.69 -0.92
CA TYR A 73 0.69 23.70 -1.25
C TYR A 73 1.56 24.28 -0.16
N CYS A 74 2.88 23.95 -0.19
CA CYS A 74 3.88 24.47 0.73
C CYS A 74 4.00 25.99 0.56
N ASN A 75 4.02 26.42 -0.71
CA ASN A 75 4.23 27.80 -1.15
C ASN A 75 3.81 27.96 -2.61
N VAL A 76 4.06 29.16 -3.19
CA VAL A 76 3.80 29.52 -4.58
C VAL A 76 4.60 28.67 -5.59
N GLU A 77 5.80 28.18 -5.21
CA GLU A 77 6.60 27.34 -6.10
C GLU A 77 5.98 25.97 -6.28
N CYS A 78 5.57 25.29 -5.17
CA CYS A 78 4.90 23.99 -5.22
C CYS A 78 3.59 24.18 -6.02
N GLN A 79 2.86 25.30 -5.79
CA GLN A 79 1.63 25.61 -6.53
C GLN A 79 1.87 25.68 -8.05
N LYS A 80 2.88 26.46 -8.48
CA LYS A 80 3.28 26.67 -9.87
C LYS A 80 3.75 25.36 -10.54
N GLU A 81 4.60 24.61 -9.85
CA GLU A 81 5.14 23.36 -10.35
C GLU A 81 4.04 22.29 -10.51
N ASP A 82 2.97 22.37 -9.69
CA ASP A 82 1.87 21.41 -9.75
C ASP A 82 0.81 21.76 -10.80
N TRP A 83 0.76 23.04 -11.23
CA TRP A 83 -0.21 23.55 -12.20
C TRP A 83 -0.41 22.71 -13.47
N PRO A 84 0.64 22.24 -14.19
CA PRO A 84 0.40 21.40 -15.38
C PRO A 84 -0.50 20.18 -15.13
N MET A 85 -0.48 19.64 -13.89
CA MET A 85 -1.30 18.49 -13.46
C MET A 85 -2.56 18.97 -12.79
N HIS A 86 -2.42 19.94 -11.87
CA HIS A 86 -3.58 20.48 -11.17
C HIS A 86 -4.66 21.10 -12.09
N LYS A 87 -4.24 21.68 -13.23
CA LYS A 87 -5.18 22.28 -14.18
C LYS A 87 -6.23 21.31 -14.74
N LEU A 88 -5.92 20.00 -14.73
CA LEU A 88 -6.85 18.94 -15.16
C LEU A 88 -8.08 18.87 -14.27
N GLU A 89 -7.92 19.31 -13.02
CA GLU A 89 -8.97 19.24 -11.99
C GLU A 89 -9.46 20.55 -11.41
N CYS A 90 -8.64 21.61 -11.47
CA CYS A 90 -8.99 22.89 -10.87
C CYS A 90 -10.38 23.47 -11.22
N SER A 91 -10.57 23.95 -12.46
CA SER A 91 -11.85 24.46 -12.91
C SER A 91 -12.93 23.32 -12.90
N PRO A 92 -12.64 22.06 -13.36
CA PRO A 92 -13.67 21.00 -13.27
C PRO A 92 -14.29 20.81 -11.88
N MET A 93 -13.48 20.86 -10.80
CA MET A 93 -13.98 20.75 -9.42
C MET A 93 -14.98 21.84 -9.07
N VAL A 94 -14.72 23.09 -9.50
CA VAL A 94 -15.67 24.14 -9.22
C VAL A 94 -16.95 24.05 -10.10
N VAL A 95 -16.78 23.70 -11.40
CA VAL A 95 -17.87 23.57 -12.36
C VAL A 95 -18.80 22.39 -12.05
N PHE A 96 -18.24 21.17 -11.86
CA PHE A 96 -19.03 19.99 -11.53
C PHE A 96 -19.52 20.04 -10.07
N GLY A 97 -18.80 20.78 -9.22
CA GLY A 97 -19.12 20.91 -7.79
C GLY A 97 -19.21 19.58 -7.09
N GLU A 98 -20.39 19.29 -6.52
CA GLU A 98 -20.72 18.05 -5.79
C GLU A 98 -20.70 16.83 -6.74
N ASN A 99 -20.91 17.05 -8.04
CA ASN A 99 -20.91 16.02 -9.08
C ASN A 99 -19.49 15.56 -9.48
N TRP A 100 -18.43 16.24 -8.96
CA TRP A 100 -17.05 15.87 -9.26
C TRP A 100 -16.65 14.68 -8.36
N ASN A 101 -16.62 13.49 -8.95
CA ASN A 101 -16.26 12.31 -8.16
C ASN A 101 -15.43 11.26 -8.95
N PRO A 102 -14.43 11.59 -9.81
CA PRO A 102 -13.71 10.53 -10.52
C PRO A 102 -12.97 9.65 -9.53
N SER A 103 -12.81 8.35 -9.84
CA SER A 103 -12.06 7.44 -8.96
C SER A 103 -10.57 7.82 -8.99
N GLU A 104 -9.80 7.46 -7.93
CA GLU A 104 -8.38 7.74 -7.90
C GLU A 104 -7.62 7.18 -9.12
N THR A 105 -8.01 6.00 -9.62
CA THR A 105 -7.43 5.38 -10.82
C THR A 105 -7.61 6.28 -12.06
N VAL A 106 -8.81 6.85 -12.22
CA VAL A 106 -9.16 7.79 -13.30
C VAL A 106 -8.31 9.08 -13.16
N ARG A 107 -8.22 9.61 -11.92
CA ARG A 107 -7.42 10.80 -11.59
C ARG A 107 -5.98 10.58 -11.98
N LEU A 108 -5.41 9.40 -11.62
CA LEU A 108 -4.02 9.06 -11.95
C LEU A 108 -3.84 8.90 -13.45
N THR A 109 -4.75 8.20 -14.10
CA THR A 109 -4.67 7.92 -15.53
C THR A 109 -4.72 9.22 -16.37
N ALA A 110 -5.50 10.22 -15.93
CA ALA A 110 -5.59 11.52 -16.58
C ALA A 110 -4.20 12.18 -16.57
N ARG A 111 -3.49 12.04 -15.42
CA ARG A 111 -2.13 12.57 -15.23
C ARG A 111 -1.08 11.88 -16.08
N ILE A 112 -1.25 10.56 -16.31
CA ILE A 112 -0.39 9.79 -17.20
C ILE A 112 -0.56 10.37 -18.63
N LEU A 113 -1.81 10.52 -19.09
CA LEU A 113 -2.09 11.07 -20.40
C LEU A 113 -1.51 12.47 -20.59
N ALA A 114 -1.62 13.33 -19.55
CA ALA A 114 -1.08 14.69 -19.58
C ALA A 114 0.43 14.67 -19.69
N LYS A 115 1.10 13.79 -18.93
CA LYS A 115 2.55 13.64 -18.96
C LYS A 115 3.05 13.16 -20.32
N GLN A 116 2.33 12.22 -20.96
CA GLN A 116 2.68 11.71 -22.30
C GLN A 116 2.62 12.82 -23.37
N LYS A 117 1.70 13.78 -23.23
CA LYS A 117 1.58 14.91 -24.16
C LYS A 117 2.71 15.92 -23.99
N ILE A 118 3.04 16.25 -22.74
CA ILE A 118 4.08 17.23 -22.40
C ILE A 118 5.47 16.65 -22.64
N HIS A 119 5.69 15.42 -22.17
CA HIS A 119 6.99 14.77 -22.20
C HIS A 119 6.88 13.40 -22.87
N PRO A 120 6.72 13.34 -24.22
CA PRO A 120 6.62 12.02 -24.89
C PRO A 120 7.88 11.14 -24.79
N GLU A 121 9.06 11.78 -24.64
CA GLU A 121 10.32 11.07 -24.50
C GLU A 121 10.40 10.33 -23.15
N ARG A 122 11.33 9.39 -23.07
CA ARG A 122 11.67 8.59 -21.92
C ARG A 122 12.08 9.55 -20.78
N THR A 123 11.53 9.33 -19.57
CA THR A 123 11.78 10.18 -18.38
C THR A 123 12.85 9.58 -17.48
N PRO A 124 13.39 10.34 -16.49
CA PRO A 124 14.35 9.75 -15.53
C PRO A 124 13.77 8.63 -14.65
N SER A 125 12.46 8.40 -14.74
CA SER A 125 11.70 7.38 -14.00
C SER A 125 11.65 6.08 -14.80
N GLU A 126 12.09 6.12 -16.08
CA GLU A 126 12.02 5.00 -17.02
C GLU A 126 13.40 4.61 -17.52
N LYS A 127 14.38 4.53 -16.64
CA LYS A 127 15.76 4.15 -17.02
C LYS A 127 15.85 2.67 -17.44
N LEU A 128 14.92 1.83 -16.95
CA LEU A 128 14.91 0.39 -17.24
C LEU A 128 13.61 -0.13 -17.84
N LEU A 129 12.48 0.41 -17.43
CA LEU A 129 11.17 0.01 -17.94
C LEU A 129 10.34 1.26 -18.22
N ALA A 130 9.72 1.33 -19.40
CA ALA A 130 8.88 2.48 -19.80
C ALA A 130 7.42 2.17 -19.51
N VAL A 131 6.63 3.24 -19.22
CA VAL A 131 5.18 3.15 -19.00
C VAL A 131 4.50 2.45 -20.18
N LYS A 132 4.91 2.80 -21.42
CA LYS A 132 4.37 2.20 -22.66
C LYS A 132 4.63 0.68 -22.74
N GLU A 133 5.71 0.19 -22.10
CA GLU A 133 6.10 -1.22 -22.10
C GLU A 133 5.41 -2.02 -20.99
N PHE A 134 4.66 -1.37 -20.08
CA PHE A 134 3.99 -2.05 -18.95
C PHE A 134 3.15 -3.23 -19.41
N GLU A 135 3.16 -4.27 -18.61
CA GLU A 135 2.35 -5.45 -18.81
C GLU A 135 0.91 -5.07 -18.43
N SER A 136 -0.04 -5.46 -19.28
CA SER A 136 -1.43 -5.11 -19.12
C SER A 136 -2.35 -6.26 -18.73
N HIS A 137 -2.05 -7.48 -19.22
CA HIS A 137 -2.90 -8.67 -19.03
C HIS A 137 -4.28 -8.48 -19.67
N LEU A 138 -4.31 -7.67 -20.75
CA LEU A 138 -5.49 -7.37 -21.54
C LEU A 138 -6.19 -8.70 -21.97
N ASP A 139 -5.41 -9.69 -22.42
CA ASP A 139 -5.89 -10.99 -22.89
C ASP A 139 -6.56 -11.84 -21.81
N LYS A 140 -6.24 -11.57 -20.53
CA LYS A 140 -6.72 -12.31 -19.34
C LYS A 140 -8.02 -11.73 -18.72
N LEU A 141 -8.39 -10.53 -19.17
CA LEU A 141 -9.56 -9.77 -18.71
C LEU A 141 -10.87 -10.49 -19.02
N ASP A 142 -11.71 -10.69 -17.99
CA ASP A 142 -13.04 -11.27 -18.22
C ASP A 142 -14.04 -10.12 -18.46
N ASN A 143 -15.33 -10.45 -18.69
CA ASN A 143 -16.38 -9.45 -18.92
C ASN A 143 -16.54 -8.48 -17.74
N GLU A 144 -16.46 -8.98 -16.51
CA GLU A 144 -16.58 -8.17 -15.29
C GLU A 144 -15.47 -7.09 -15.19
N LYS A 145 -14.21 -7.47 -15.49
CA LYS A 145 -13.06 -6.58 -15.44
C LYS A 145 -13.09 -5.54 -16.59
N LYS A 146 -13.50 -5.98 -17.80
CA LYS A 146 -13.64 -5.07 -18.95
C LYS A 146 -14.74 -4.03 -18.70
N ASP A 147 -15.83 -4.45 -18.01
CA ASP A 147 -16.93 -3.55 -17.66
C ASP A 147 -16.47 -2.50 -16.65
N LEU A 148 -15.62 -2.89 -15.68
CA LEU A 148 -15.07 -1.95 -14.70
C LEU A 148 -14.12 -0.92 -15.35
N ILE A 149 -13.31 -1.39 -16.31
CA ILE A 149 -12.41 -0.52 -17.10
C ILE A 149 -13.25 0.44 -17.99
N GLN A 150 -14.38 -0.06 -18.56
CA GLN A 150 -15.27 0.78 -19.36
C GLN A 150 -15.92 1.88 -18.54
N SER A 151 -16.32 1.61 -17.29
CA SER A 151 -16.83 2.62 -16.35
C SER A 151 -15.76 3.70 -16.13
N ASP A 152 -14.48 3.30 -15.94
CA ASP A 152 -13.34 4.19 -15.74
C ASP A 152 -13.09 5.06 -16.98
N ILE A 153 -13.17 4.46 -18.19
CA ILE A 153 -13.00 5.18 -19.46
C ILE A 153 -14.11 6.26 -19.61
N ALA A 154 -15.36 5.91 -19.26
CA ALA A 154 -16.48 6.85 -19.31
C ALA A 154 -16.30 8.01 -18.33
N ALA A 155 -15.75 7.74 -17.13
CA ALA A 155 -15.47 8.77 -16.14
C ALA A 155 -14.31 9.69 -16.62
N LEU A 156 -13.33 9.12 -17.35
CA LEU A 156 -12.20 9.86 -17.87
C LEU A 156 -12.68 10.90 -18.89
N HIS A 157 -13.53 10.50 -19.85
CA HIS A 157 -14.14 11.36 -20.86
C HIS A 157 -15.06 12.39 -20.20
N HIS A 158 -15.85 11.95 -19.19
CA HIS A 158 -16.79 12.77 -18.41
C HIS A 158 -16.09 13.93 -17.67
N PHE A 159 -14.93 13.66 -17.01
CA PHE A 159 -14.27 14.69 -16.20
C PHE A 159 -13.01 15.36 -16.75
N TYR A 160 -12.37 14.74 -17.74
CA TYR A 160 -11.05 15.19 -18.24
C TYR A 160 -10.97 15.46 -19.75
N SER A 161 -12.09 15.78 -20.39
CA SER A 161 -12.06 16.06 -21.83
C SER A 161 -11.50 17.47 -22.18
N LYS A 162 -11.35 18.35 -21.17
CA LYS A 162 -10.91 19.72 -21.43
C LYS A 162 -9.53 19.88 -22.04
N HIS A 163 -8.53 19.20 -21.44
CA HIS A 163 -7.14 19.32 -21.88
C HIS A 163 -6.54 18.12 -22.57
N LEU A 164 -7.22 16.98 -22.51
CA LEU A 164 -6.70 15.73 -23.04
C LEU A 164 -7.22 15.39 -24.42
N GLU A 165 -6.33 14.87 -25.27
CA GLU A 165 -6.67 14.35 -26.59
C GLU A 165 -6.57 12.84 -26.40
N PHE A 166 -7.70 12.19 -26.31
CA PHE A 166 -7.79 10.77 -26.02
C PHE A 166 -7.42 9.83 -27.15
N PRO A 167 -6.70 8.71 -26.87
CA PRO A 167 -6.49 7.69 -27.92
C PRO A 167 -7.81 6.92 -28.11
N ASP A 168 -7.83 5.89 -28.99
CA ASP A 168 -9.07 5.12 -29.18
C ASP A 168 -9.39 4.32 -27.89
N ASN A 169 -10.62 3.79 -27.79
CA ASN A 169 -11.05 3.04 -26.61
C ASN A 169 -10.10 1.88 -26.30
N ASP A 170 -9.62 1.16 -27.35
CA ASP A 170 -8.68 0.04 -27.24
C ASP A 170 -7.39 0.43 -26.52
N SER A 171 -6.81 1.59 -26.85
CA SER A 171 -5.59 2.06 -26.20
C SER A 171 -5.87 2.43 -24.73
N LEU A 172 -7.08 2.94 -24.44
CA LEU A 172 -7.48 3.29 -23.09
C LEU A 172 -7.71 2.07 -22.21
N VAL A 173 -8.25 0.95 -22.77
CA VAL A 173 -8.41 -0.28 -21.99
C VAL A 173 -7.04 -0.84 -21.59
N VAL A 174 -6.06 -0.82 -22.52
CA VAL A 174 -4.67 -1.24 -22.30
C VAL A 174 -4.06 -0.36 -21.18
N LEU A 175 -4.27 0.97 -21.26
CA LEU A 175 -3.76 1.87 -20.26
C LEU A 175 -4.31 1.61 -18.85
N PHE A 176 -5.64 1.54 -18.70
CA PHE A 176 -6.29 1.26 -17.44
C PHE A 176 -5.84 -0.09 -16.87
N ALA A 177 -5.64 -1.10 -17.74
CA ALA A 177 -5.16 -2.41 -17.31
C ALA A 177 -3.70 -2.33 -16.84
N GLN A 178 -2.86 -1.54 -17.53
CA GLN A 178 -1.45 -1.33 -17.17
C GLN A 178 -1.35 -0.64 -15.80
N VAL A 179 -2.23 0.35 -15.54
CA VAL A 179 -2.30 1.12 -14.29
C VAL A 179 -2.71 0.20 -13.13
N ASN A 180 -3.75 -0.65 -13.32
CA ASN A 180 -4.18 -1.60 -12.29
C ASN A 180 -3.06 -2.60 -11.96
N CYS A 181 -2.29 -3.01 -12.98
CA CYS A 181 -1.23 -3.98 -12.80
C CYS A 181 0.08 -3.38 -12.23
N ASN A 182 0.37 -2.12 -12.55
CA ASN A 182 1.64 -1.50 -12.20
C ASN A 182 1.62 -0.34 -11.25
N GLY A 183 0.43 0.17 -10.92
CA GLY A 183 0.29 1.32 -10.02
C GLY A 183 0.67 1.03 -8.58
N PHE A 184 1.14 2.06 -7.89
CA PHE A 184 1.52 1.96 -6.49
C PHE A 184 0.64 2.87 -5.64
N THR A 185 0.36 2.42 -4.43
CA THR A 185 -0.28 3.30 -3.48
C THR A 185 0.90 3.88 -2.70
N ILE A 186 0.83 5.14 -2.33
CA ILE A 186 1.86 5.74 -1.46
C ILE A 186 1.24 5.79 -0.07
N GLU A 187 1.92 5.20 0.94
CA GLU A 187 1.46 5.11 2.33
C GLU A 187 2.40 5.92 3.21
N ASP A 188 1.86 6.39 4.34
CA ASP A 188 2.68 7.12 5.29
C ASP A 188 3.36 6.17 6.28
N GLU A 189 3.97 6.69 7.36
CA GLU A 189 4.67 5.87 8.36
C GLU A 189 3.73 4.90 9.13
N GLU A 190 2.42 5.17 9.13
CA GLU A 190 1.41 4.35 9.78
C GLU A 190 0.68 3.50 8.78
N LEU A 191 1.17 3.46 7.54
CA LEU A 191 0.60 2.73 6.40
C LEU A 191 -0.75 3.27 5.99
N SER A 192 -1.01 4.56 6.29
CA SER A 192 -2.23 5.23 5.90
C SER A 192 -2.06 5.67 4.44
N HIS A 193 -3.10 5.46 3.62
CA HIS A 193 -3.07 5.78 2.19
C HIS A 193 -2.98 7.30 1.95
N LEU A 194 -1.92 7.69 1.22
CA LEU A 194 -1.66 9.10 0.87
C LEU A 194 -2.07 9.43 -0.57
N GLY A 195 -1.86 8.48 -1.47
CA GLY A 195 -2.17 8.69 -2.88
C GLY A 195 -1.72 7.53 -3.72
N SER A 196 -1.73 7.72 -5.04
CA SER A 196 -1.38 6.71 -6.03
C SER A 196 -0.40 7.27 -7.01
N ALA A 197 0.48 6.42 -7.53
CA ALA A 197 1.54 6.86 -8.39
C ALA A 197 2.04 5.79 -9.28
N ILE A 198 2.76 6.24 -10.31
CA ILE A 198 3.46 5.40 -11.28
C ILE A 198 4.94 5.54 -11.05
N PHE A 199 5.61 4.41 -10.75
CA PHE A 199 7.07 4.33 -10.57
C PHE A 199 7.52 3.25 -11.55
N PRO A 200 7.79 3.61 -12.83
CA PRO A 200 8.10 2.58 -13.86
C PRO A 200 9.25 1.63 -13.54
N ASP A 201 10.38 2.18 -13.10
CA ASP A 201 11.55 1.34 -12.77
C ASP A 201 11.29 0.46 -11.56
N VAL A 202 10.46 0.91 -10.61
CA VAL A 202 10.10 0.12 -9.41
C VAL A 202 9.16 -1.02 -9.84
N ALA A 203 8.26 -0.74 -10.83
CA ALA A 203 7.32 -1.72 -11.33
C ALA A 203 8.01 -2.87 -12.06
N LEU A 204 9.32 -2.73 -12.42
CA LEU A 204 10.07 -3.80 -13.10
C LEU A 204 10.27 -4.97 -12.17
N MET A 205 10.35 -4.70 -10.85
CA MET A 205 10.57 -5.77 -9.86
C MET A 205 9.42 -6.74 -9.75
N ASN A 206 9.76 -8.01 -9.82
CA ASN A 206 8.82 -9.09 -9.67
C ASN A 206 8.48 -9.29 -8.20
N HIS A 207 7.41 -10.05 -7.95
CA HIS A 207 6.92 -10.30 -6.60
C HIS A 207 7.52 -11.55 -5.98
N SER A 208 7.72 -11.51 -4.65
CA SER A 208 8.03 -12.65 -3.81
C SER A 208 7.37 -12.43 -2.46
N CYS A 209 6.96 -13.52 -1.82
CA CYS A 209 6.40 -13.54 -0.48
C CYS A 209 7.53 -13.56 0.56
N CYS A 210 8.79 -13.75 0.11
CA CYS A 210 10.00 -13.60 0.93
C CYS A 210 10.89 -12.59 0.19
N PRO A 211 10.43 -11.32 0.13
CA PRO A 211 11.17 -10.31 -0.67
C PRO A 211 12.54 -9.99 -0.11
N ASN A 212 13.42 -9.51 -0.98
CA ASN A 212 14.75 -9.09 -0.54
C ASN A 212 14.84 -7.58 -0.51
N VAL A 213 13.77 -6.87 -0.92
CA VAL A 213 13.66 -5.40 -0.86
C VAL A 213 12.31 -4.94 -0.35
N ILE A 214 12.30 -3.69 0.16
CA ILE A 214 11.11 -2.95 0.58
C ILE A 214 11.10 -1.60 -0.16
N VAL A 215 9.93 -1.22 -0.66
CA VAL A 215 9.71 0.09 -1.26
C VAL A 215 9.15 1.01 -0.19
N THR A 216 9.78 2.19 -0.03
CA THR A 216 9.32 3.26 0.86
C THR A 216 9.27 4.54 0.05
N TYR A 217 8.66 5.60 0.62
CA TYR A 217 8.50 6.91 -0.03
C TYR A 217 9.05 8.05 0.81
N LYS A 218 9.73 8.96 0.14
CA LYS A 218 10.30 10.21 0.66
C LYS A 218 9.60 11.32 -0.18
N GLY A 219 8.42 11.74 0.29
CA GLY A 219 7.56 12.61 -0.50
C GLY A 219 6.96 11.75 -1.63
N THR A 220 7.21 12.12 -2.90
CA THR A 220 6.74 11.35 -4.07
C THR A 220 7.89 10.49 -4.66
N LEU A 221 9.06 10.45 -4.00
CA LEU A 221 10.19 9.66 -4.46
C LEU A 221 10.14 8.26 -3.87
N ALA A 222 10.12 7.21 -4.73
CA ALA A 222 10.15 5.83 -4.25
C ALA A 222 11.62 5.47 -4.00
N GLU A 223 11.90 4.79 -2.90
CA GLU A 223 13.25 4.31 -2.53
C GLU A 223 13.17 2.79 -2.32
N VAL A 224 14.16 2.07 -2.81
CA VAL A 224 14.19 0.60 -2.77
C VAL A 224 15.39 0.15 -1.92
N ARG A 225 15.12 -0.47 -0.76
CA ARG A 225 16.18 -0.90 0.15
C ARG A 225 16.16 -2.38 0.43
N ALA A 226 17.36 -2.98 0.54
CA ALA A 226 17.51 -4.41 0.82
C ALA A 226 17.08 -4.75 2.25
N VAL A 227 16.30 -5.84 2.37
CA VAL A 227 15.85 -6.37 3.67
C VAL A 227 16.44 -7.74 3.91
N GLN A 228 17.22 -8.21 2.93
CA GLN A 228 17.98 -9.46 2.91
C GLN A 228 19.22 -9.12 2.11
N GLU A 229 20.28 -9.86 2.29
CA GLU A 229 21.50 -9.71 1.50
C GLU A 229 21.16 -10.13 0.04
N ILE A 230 21.65 -9.36 -0.93
CA ILE A 230 21.45 -9.66 -2.35
C ILE A 230 22.85 -9.81 -2.96
N LYS A 231 23.06 -10.90 -3.71
CA LYS A 231 24.35 -11.15 -4.33
C LYS A 231 24.29 -10.98 -5.83
N PRO A 232 25.42 -10.68 -6.53
CA PRO A 232 25.38 -10.57 -8.01
C PRO A 232 24.74 -11.81 -8.65
N GLY A 233 23.84 -11.56 -9.59
CA GLY A 233 23.12 -12.60 -10.31
C GLY A 233 21.73 -12.86 -9.74
N GLU A 234 21.49 -12.42 -8.50
CA GLU A 234 20.20 -12.64 -7.87
C GLU A 234 19.14 -11.63 -8.33
N GLU A 235 17.93 -12.13 -8.52
CA GLU A 235 16.79 -11.31 -8.89
C GLU A 235 16.35 -10.51 -7.65
N VAL A 236 15.90 -9.26 -7.89
CA VAL A 236 15.42 -8.35 -6.85
C VAL A 236 13.90 -8.46 -6.81
N PHE A 237 13.36 -8.88 -5.66
CA PHE A 237 11.94 -9.09 -5.44
C PHE A 237 11.41 -8.21 -4.32
N THR A 238 10.23 -7.67 -4.55
CA THR A 238 9.47 -6.90 -3.59
C THR A 238 8.17 -7.65 -3.35
N SER A 239 7.43 -7.35 -2.28
CA SER A 239 6.12 -7.96 -2.09
C SER A 239 5.06 -7.01 -2.63
N TYR A 240 4.15 -7.52 -3.44
CA TYR A 240 3.06 -6.73 -4.01
C TYR A 240 1.88 -6.61 -3.02
N ILE A 241 1.80 -7.49 -2.02
CA ILE A 241 0.66 -7.66 -1.14
C ILE A 241 1.04 -7.72 0.36
N ASP A 242 -0.02 -7.79 1.21
CA ASP A 242 0.05 -7.98 2.64
C ASP A 242 0.46 -9.44 2.90
N LEU A 243 1.63 -9.63 3.52
CA LEU A 243 2.20 -10.94 3.80
C LEU A 243 1.69 -11.67 5.04
N LEU A 244 0.70 -11.10 5.76
CA LEU A 244 0.15 -11.73 6.96
C LEU A 244 -0.51 -13.07 6.66
N TYR A 245 -1.19 -13.14 5.52
CA TYR A 245 -2.05 -14.23 5.13
C TYR A 245 -1.41 -15.55 4.69
N PRO A 246 -2.13 -16.70 4.83
CA PRO A 246 -1.55 -17.99 4.37
C PRO A 246 -1.47 -18.06 2.84
N THR A 247 -0.74 -19.06 2.31
CA THR A 247 -0.45 -19.24 0.89
C THR A 247 -1.66 -19.10 -0.06
N GLU A 248 -2.76 -19.81 0.22
CA GLU A 248 -3.95 -19.75 -0.63
C GLU A 248 -4.51 -18.33 -0.75
N ASP A 249 -4.63 -17.61 0.39
CA ASP A 249 -5.11 -16.22 0.45
C ASP A 249 -4.23 -15.30 -0.37
N ARG A 250 -2.91 -15.42 -0.20
CA ARG A 250 -1.91 -14.62 -0.92
C ARG A 250 -2.04 -14.77 -2.44
N ASN A 251 -2.17 -16.03 -2.88
CA ASN A 251 -2.27 -16.41 -4.28
C ASN A 251 -3.60 -16.07 -4.88
N ASP A 252 -4.67 -16.06 -4.08
CA ASP A 252 -5.99 -15.62 -4.53
C ASP A 252 -5.92 -14.13 -4.87
N ARG A 253 -5.21 -13.34 -4.02
CA ARG A 253 -5.01 -11.90 -4.26
C ARG A 253 -4.10 -11.66 -5.47
N LEU A 254 -2.97 -12.42 -5.56
CA LEU A 254 -2.04 -12.31 -6.69
C LEU A 254 -2.68 -12.67 -8.01
N ARG A 255 -3.51 -13.72 -8.03
CA ARG A 255 -4.21 -14.13 -9.24
C ARG A 255 -5.25 -13.11 -9.66
N ASP A 256 -6.05 -12.59 -8.71
CA ASP A 256 -7.09 -11.61 -8.97
C ASP A 256 -6.57 -10.25 -9.44
N SER A 257 -5.55 -9.71 -8.77
CA SER A 257 -5.04 -8.38 -9.12
C SER A 257 -3.85 -8.40 -10.11
N TYR A 258 -3.05 -9.48 -10.12
CA TYR A 258 -1.84 -9.53 -10.94
C TYR A 258 -1.74 -10.65 -11.93
N PHE A 259 -2.78 -11.50 -11.98
CA PHE A 259 -2.90 -12.62 -12.93
C PHE A 259 -1.76 -13.62 -12.93
N PHE A 260 -1.22 -13.94 -11.77
CA PHE A 260 -0.18 -14.94 -11.69
C PHE A 260 -0.27 -15.66 -10.37
N THR A 261 0.37 -16.84 -10.30
CA THR A 261 0.51 -17.63 -9.09
C THR A 261 1.97 -17.61 -8.70
N CYS A 262 2.23 -17.22 -7.45
CA CYS A 262 3.57 -17.19 -6.88
C CYS A 262 4.08 -18.59 -6.60
N GLU A 263 5.35 -18.79 -6.90
CA GLU A 263 6.04 -20.02 -6.63
C GLU A 263 7.31 -19.77 -5.77
N CYS A 264 7.34 -18.69 -5.00
CA CYS A 264 8.48 -18.41 -4.11
C CYS A 264 8.62 -19.52 -3.04
N GLN A 265 9.74 -19.49 -2.28
CA GLN A 265 9.97 -20.52 -1.24
C GLN A 265 8.82 -20.67 -0.23
N GLU A 266 8.22 -19.55 0.18
CA GLU A 266 7.06 -19.49 1.09
C GLU A 266 5.83 -20.20 0.51
N CYS A 267 5.54 -19.94 -0.78
CA CYS A 267 4.38 -20.50 -1.47
C CYS A 267 4.58 -21.98 -1.81
N THR A 268 5.84 -22.38 -2.09
CA THR A 268 6.19 -23.77 -2.43
C THR A 268 6.16 -24.65 -1.18
N THR A 269 6.85 -24.18 -0.14
CA THR A 269 6.99 -24.95 1.09
C THR A 269 5.72 -24.92 1.92
N LYS A 270 5.03 -23.74 1.96
CA LYS A 270 3.84 -23.43 2.78
C LYS A 270 4.18 -23.58 4.29
N ASP A 271 5.48 -23.40 4.65
CA ASP A 271 5.98 -23.60 6.02
C ASP A 271 5.25 -22.82 7.10
N LYS A 272 4.92 -21.53 6.84
CA LYS A 272 4.22 -20.65 7.79
C LYS A 272 2.68 -20.78 7.88
N ASP A 273 2.06 -21.52 6.94
CA ASP A 273 0.61 -21.70 6.87
C ASP A 273 -0.02 -22.25 8.16
N LYS A 274 0.64 -23.26 8.78
CA LYS A 274 0.18 -23.90 10.02
C LYS A 274 0.04 -22.92 11.20
N ALA A 275 1.10 -22.13 11.49
CA ALA A 275 1.08 -21.09 12.55
C ALA A 275 0.11 -19.96 12.22
N LYS A 276 0.00 -19.57 10.92
CA LYS A 276 -0.92 -18.51 10.48
C LYS A 276 -2.37 -18.88 10.77
N VAL A 277 -2.73 -20.16 10.54
CA VAL A 277 -4.07 -20.64 10.81
C VAL A 277 -4.06 -21.55 12.06
N GLU A 278 -3.44 -21.05 13.14
CA GLU A 278 -3.30 -21.74 14.43
C GLU A 278 -4.66 -22.13 15.02
N ILE A 279 -4.77 -23.40 15.40
CA ILE A 279 -5.98 -24.00 15.97
C ILE A 279 -5.78 -24.22 17.47
N ARG A 280 -6.85 -24.02 18.26
CA ARG A 280 -6.86 -24.22 19.71
C ARG A 280 -6.56 -25.68 20.05
N LYS A 281 -5.72 -25.93 21.08
CA LYS A 281 -5.37 -27.29 21.49
C LYS A 281 -6.43 -27.78 22.52
N LEU A 282 -7.60 -28.19 22.00
CA LEU A 282 -8.76 -28.64 22.78
C LEU A 282 -8.69 -30.14 23.11
N SER A 283 -9.32 -30.54 24.25
CA SER A 283 -9.44 -31.93 24.72
C SER A 283 -9.96 -32.80 23.58
N ASP A 284 -11.06 -32.38 22.95
CA ASP A 284 -11.62 -33.00 21.75
C ASP A 284 -11.10 -32.08 20.63
N PRO A 285 -10.03 -32.48 19.88
CA PRO A 285 -9.48 -31.59 18.85
C PRO A 285 -10.47 -31.28 17.71
N PRO A 286 -10.47 -30.03 17.19
CA PRO A 286 -11.43 -29.71 16.11
C PRO A 286 -11.16 -30.48 14.82
N LYS A 287 -12.24 -31.02 14.23
CA LYS A 287 -12.23 -31.82 13.00
C LYS A 287 -11.77 -30.99 11.79
N ALA A 288 -11.16 -31.65 10.78
CA ALA A 288 -10.66 -31.00 9.55
C ALA A 288 -11.75 -30.17 8.88
N GLU A 289 -12.98 -30.73 8.72
CA GLU A 289 -14.10 -30.02 8.12
C GLU A 289 -14.57 -28.81 8.96
N ALA A 290 -14.44 -28.91 10.31
CA ALA A 290 -14.78 -27.83 11.25
C ALA A 290 -13.79 -26.66 11.10
N ILE A 291 -12.50 -26.96 10.78
CA ILE A 291 -11.46 -25.97 10.53
C ILE A 291 -11.80 -25.24 9.22
N ARG A 292 -12.06 -26.02 8.13
CA ARG A 292 -12.37 -25.54 6.79
C ARG A 292 -13.59 -24.62 6.78
N ASP A 293 -14.61 -24.94 7.60
CA ASP A 293 -15.84 -24.15 7.77
C ASP A 293 -15.51 -22.79 8.38
N MET A 294 -14.63 -22.79 9.41
CA MET A 294 -14.23 -21.56 10.08
C MET A 294 -13.37 -20.67 9.20
N VAL A 295 -12.47 -21.26 8.37
CA VAL A 295 -11.62 -20.53 7.41
C VAL A 295 -12.55 -19.85 6.38
N ARG A 296 -13.59 -20.57 5.93
CA ARG A 296 -14.60 -20.05 4.98
C ARG A 296 -15.38 -18.90 5.63
N TYR A 297 -15.82 -19.08 6.90
CA TYR A 297 -16.55 -18.06 7.65
C TYR A 297 -15.67 -16.80 7.82
N ALA A 298 -14.39 -17.00 8.19
CA ALA A 298 -13.39 -15.97 8.41
C ALA A 298 -13.19 -15.09 7.18
N ARG A 299 -13.06 -15.70 5.98
CA ARG A 299 -12.92 -14.98 4.72
C ARG A 299 -14.19 -14.20 4.39
N ASN A 300 -15.39 -14.76 4.72
CA ASN A 300 -16.68 -14.12 4.49
C ASN A 300 -16.88 -12.91 5.38
N VAL A 301 -16.48 -12.98 6.69
CA VAL A 301 -16.61 -11.83 7.60
C VAL A 301 -15.67 -10.71 7.20
N ILE A 302 -14.46 -11.04 6.71
CA ILE A 302 -13.48 -10.08 6.22
C ILE A 302 -14.14 -9.21 5.12
N GLU A 303 -14.85 -9.85 4.16
CA GLU A 303 -15.56 -9.21 3.05
C GLU A 303 -16.78 -8.43 3.55
N GLU A 304 -17.54 -9.01 4.50
CA GLU A 304 -18.73 -8.41 5.08
C GLU A 304 -18.35 -7.09 5.75
N PHE A 305 -17.27 -7.12 6.58
CA PHE A 305 -16.77 -5.93 7.28
C PHE A 305 -16.31 -4.85 6.29
N ARG A 306 -15.56 -5.25 5.25
CA ARG A 306 -15.07 -4.39 4.17
C ARG A 306 -16.22 -3.56 3.57
N ARG A 307 -17.38 -4.20 3.32
CA ARG A 307 -18.57 -3.53 2.78
C ARG A 307 -19.23 -2.65 3.85
N ALA A 308 -19.39 -3.20 5.07
CA ALA A 308 -20.02 -2.56 6.21
C ALA A 308 -19.37 -1.23 6.63
N LYS A 309 -18.03 -1.07 6.52
CA LYS A 309 -17.38 0.21 6.91
C LYS A 309 -17.83 1.42 6.12
N HIS A 310 -18.40 1.20 4.92
CA HIS A 310 -18.91 2.25 4.05
C HIS A 310 -20.25 2.83 4.51
N TYR A 311 -21.00 2.10 5.37
CA TYR A 311 -22.31 2.58 5.80
C TYR A 311 -22.71 2.31 7.28
N LYS A 312 -22.09 1.33 7.97
CA LYS A 312 -22.46 1.01 9.35
C LYS A 312 -21.85 1.99 10.38
N SER A 313 -22.48 2.11 11.57
CA SER A 313 -22.02 2.99 12.64
C SER A 313 -20.77 2.40 13.33
N PRO A 314 -19.94 3.21 14.05
CA PRO A 314 -18.77 2.63 14.73
C PRO A 314 -19.10 1.49 15.70
N SER A 315 -20.23 1.56 16.41
CA SER A 315 -20.67 0.51 17.34
C SER A 315 -21.10 -0.79 16.61
N GLU A 316 -21.69 -0.66 15.40
CA GLU A 316 -22.10 -1.79 14.56
C GLU A 316 -20.85 -2.49 14.04
N LEU A 317 -19.85 -1.70 13.63
CA LEU A 317 -18.59 -2.20 13.12
C LEU A 317 -17.80 -2.96 14.20
N LEU A 318 -17.78 -2.43 15.44
CA LEU A 318 -17.12 -3.06 16.60
C LEU A 318 -17.85 -4.34 16.97
N GLU A 319 -19.18 -4.36 16.77
CA GLU A 319 -20.04 -5.52 17.02
C GLU A 319 -19.62 -6.67 16.11
N ILE A 320 -19.42 -6.38 14.81
CA ILE A 320 -18.98 -7.37 13.82
C ILE A 320 -17.64 -7.99 14.25
N CYS A 321 -16.68 -7.14 14.70
CA CYS A 321 -15.37 -7.57 15.20
C CYS A 321 -15.48 -8.47 16.42
N GLU A 322 -16.19 -8.02 17.46
CA GLU A 322 -16.40 -8.75 18.70
C GLU A 322 -17.11 -10.08 18.46
N LEU A 323 -18.26 -10.05 17.76
CA LEU A 323 -19.07 -11.24 17.46
C LEU A 323 -18.33 -12.28 16.63
N SER A 324 -17.60 -11.85 15.59
CA SER A 324 -16.83 -12.74 14.73
C SER A 324 -15.63 -13.35 15.46
N GLN A 325 -14.97 -12.57 16.36
CA GLN A 325 -13.85 -13.07 17.15
C GLN A 325 -14.34 -14.14 18.12
N GLU A 326 -15.54 -13.94 18.70
CA GLU A 326 -16.20 -14.87 19.63
C GLU A 326 -16.47 -16.21 18.93
N LYS A 327 -17.06 -16.18 17.72
CA LYS A 327 -17.35 -17.39 16.96
C LYS A 327 -16.05 -18.11 16.58
N MET A 328 -15.05 -17.36 16.07
CA MET A 328 -13.75 -17.90 15.65
C MET A 328 -12.91 -18.50 16.78
N SER A 329 -12.98 -17.92 18.01
CA SER A 329 -12.21 -18.34 19.20
C SER A 329 -12.45 -19.78 19.66
N SER A 330 -13.60 -20.38 19.27
CA SER A 330 -13.95 -21.76 19.61
C SER A 330 -13.04 -22.76 18.88
N VAL A 331 -12.51 -22.36 17.71
CA VAL A 331 -11.65 -23.16 16.83
C VAL A 331 -10.23 -22.57 16.75
N PHE A 332 -10.14 -21.23 16.53
CA PHE A 332 -8.89 -20.48 16.33
C PHE A 332 -8.23 -19.91 17.57
N GLU A 333 -6.89 -19.92 17.57
CA GLU A 333 -6.03 -19.34 18.60
C GLU A 333 -6.02 -17.81 18.37
N ASP A 334 -5.67 -17.02 19.41
CA ASP A 334 -5.64 -15.56 19.29
C ASP A 334 -4.61 -15.06 18.29
N SER A 335 -3.51 -15.83 18.11
CA SER A 335 -2.40 -15.55 17.18
C SER A 335 -2.74 -15.90 15.72
N ASN A 336 -3.90 -16.55 15.49
CA ASN A 336 -4.39 -16.92 14.16
C ASN A 336 -4.68 -15.63 13.39
N VAL A 337 -4.26 -15.57 12.11
CA VAL A 337 -4.38 -14.39 11.24
C VAL A 337 -5.79 -13.84 11.06
N TYR A 338 -6.81 -14.71 11.09
CA TYR A 338 -8.20 -14.28 10.94
C TYR A 338 -8.70 -13.55 12.19
N MET A 339 -8.21 -13.97 13.37
CA MET A 339 -8.50 -13.31 14.66
C MET A 339 -7.84 -11.93 14.66
N LEU A 340 -6.56 -11.91 14.27
CA LEU A 340 -5.69 -10.72 14.14
C LEU A 340 -6.28 -9.70 13.16
N HIS A 341 -6.87 -10.17 12.04
CA HIS A 341 -7.51 -9.28 11.06
C HIS A 341 -8.64 -8.51 11.74
N MET A 342 -9.54 -9.19 12.49
CA MET A 342 -10.66 -8.52 13.16
C MET A 342 -10.23 -7.56 14.26
N MET A 343 -9.20 -7.93 15.04
CA MET A 343 -8.60 -7.11 16.10
C MET A 343 -8.01 -5.81 15.51
N TYR A 344 -7.33 -5.92 14.35
CA TYR A 344 -6.76 -4.79 13.61
C TYR A 344 -7.90 -3.86 13.14
N GLN A 345 -8.98 -4.44 12.59
CA GLN A 345 -10.15 -3.67 12.15
C GLN A 345 -10.81 -2.95 13.34
N ALA A 346 -10.95 -3.66 14.48
CA ALA A 346 -11.51 -3.11 15.74
C ALA A 346 -10.63 -1.99 16.30
N MET A 347 -9.31 -2.16 16.27
CA MET A 347 -8.36 -1.12 16.67
C MET A 347 -8.55 0.14 15.80
N GLY A 348 -8.73 -0.06 14.49
CA GLY A 348 -8.98 1.01 13.53
C GLY A 348 -10.24 1.79 13.83
N VAL A 349 -11.31 1.09 14.25
CA VAL A 349 -12.57 1.74 14.62
C VAL A 349 -12.36 2.59 15.91
N CYS A 350 -11.65 2.01 16.91
CA CYS A 350 -11.29 2.74 18.12
C CYS A 350 -10.48 3.98 17.81
N LEU A 351 -9.48 3.89 16.94
CA LEU A 351 -8.66 5.04 16.55
C LEU A 351 -9.52 6.15 15.96
N TYR A 352 -10.45 5.79 15.04
CA TYR A 352 -11.35 6.77 14.42
C TYR A 352 -12.21 7.49 15.50
N MET A 353 -12.79 6.71 16.43
CA MET A 353 -13.63 7.23 17.52
C MET A 353 -12.80 7.99 18.56
N GLN A 354 -11.46 8.01 18.39
CA GLN A 354 -10.52 8.63 19.33
C GLN A 354 -10.62 7.96 20.72
N ASP A 355 -10.95 6.64 20.71
CA ASP A 355 -10.99 5.80 21.90
C ASP A 355 -9.57 5.23 22.01
N TRP A 356 -8.66 6.06 22.55
CA TRP A 356 -7.24 5.70 22.67
C TRP A 356 -6.99 4.47 23.53
N GLU A 357 -7.72 4.33 24.64
CA GLU A 357 -7.60 3.18 25.55
C GLU A 357 -7.99 1.88 24.85
N GLY A 358 -9.12 1.92 24.13
CA GLY A 358 -9.63 0.78 23.36
C GLY A 358 -8.69 0.36 22.25
N ALA A 359 -8.13 1.35 21.52
CA ALA A 359 -7.16 1.12 20.45
C ALA A 359 -5.90 0.45 21.02
N LEU A 360 -5.40 0.95 22.16
CA LEU A 360 -4.23 0.39 22.85
C LEU A 360 -4.50 -1.06 23.28
N GLN A 361 -5.68 -1.31 23.87
CA GLN A 361 -6.14 -2.64 24.32
C GLN A 361 -5.99 -3.67 23.17
N TYR A 362 -6.41 -3.30 21.94
CA TYR A 362 -6.28 -4.17 20.77
C TYR A 362 -4.87 -4.32 20.24
N GLY A 363 -4.15 -3.21 20.12
CA GLY A 363 -2.77 -3.19 19.63
C GLY A 363 -1.84 -4.09 20.42
N GLN A 364 -2.02 -4.12 21.76
CA GLN A 364 -1.26 -4.96 22.69
C GLN A 364 -1.41 -6.46 22.37
N LYS A 365 -2.61 -6.91 21.96
CA LYS A 365 -2.91 -8.29 21.58
C LYS A 365 -2.37 -8.69 20.19
N ILE A 366 -2.24 -7.71 19.28
CA ILE A 366 -1.82 -7.92 17.89
C ILE A 366 -0.32 -8.05 17.69
N ILE A 367 0.44 -7.19 18.39
CA ILE A 367 1.88 -7.01 18.19
C ILE A 367 2.77 -8.26 18.15
N LYS A 368 2.74 -9.12 19.21
CA LYS A 368 3.58 -10.32 19.24
C LYS A 368 3.28 -11.27 18.07
N PRO A 369 1.99 -11.67 17.81
CA PRO A 369 1.72 -12.52 16.62
C PRO A 369 2.10 -11.88 15.27
N TYR A 370 1.99 -10.52 15.13
CA TYR A 370 2.38 -9.80 13.91
C TYR A 370 3.86 -10.03 13.61
N SER A 371 4.71 -9.85 14.65
CA SER A 371 6.14 -10.03 14.57
C SER A 371 6.51 -11.41 14.10
N LYS A 372 5.74 -12.41 14.51
CA LYS A 372 6.02 -13.79 14.11
C LYS A 372 5.55 -14.14 12.68
N HIS A 373 4.43 -13.56 12.22
CA HIS A 373 3.91 -13.88 10.89
C HIS A 373 4.53 -13.11 9.72
N TYR A 374 5.02 -11.91 10.00
CA TYR A 374 5.60 -11.07 8.96
C TYR A 374 7.09 -11.30 8.82
N PRO A 375 7.70 -10.94 7.66
CA PRO A 375 9.15 -11.09 7.51
C PRO A 375 9.93 -10.25 8.51
N LEU A 376 11.24 -10.57 8.65
CA LEU A 376 12.16 -9.90 9.56
C LEU A 376 12.00 -8.35 9.60
N TYR A 377 12.02 -7.72 8.44
CA TYR A 377 11.83 -6.28 8.36
C TYR A 377 10.50 -6.11 7.61
N SER A 378 9.51 -5.56 8.31
CA SER A 378 8.17 -5.45 7.78
C SER A 378 7.60 -4.11 8.13
N LEU A 379 7.04 -3.43 7.13
CA LEU A 379 6.40 -2.14 7.32
C LEU A 379 5.12 -2.30 8.17
N ASN A 380 4.45 -3.44 8.07
CA ASN A 380 3.24 -3.72 8.86
C ASN A 380 3.58 -3.84 10.33
N VAL A 381 4.73 -4.47 10.65
CA VAL A 381 5.20 -4.59 12.02
C VAL A 381 5.64 -3.22 12.56
N ALA A 382 6.48 -2.48 11.80
CA ALA A 382 6.98 -1.15 12.18
C ALA A 382 5.82 -0.21 12.51
N SER A 383 4.81 -0.19 11.61
CA SER A 383 3.61 0.62 11.70
C SER A 383 2.78 0.33 12.97
N MET A 384 2.63 -0.96 13.32
CA MET A 384 1.93 -1.38 14.54
C MET A 384 2.70 -0.91 15.79
N TRP A 385 4.02 -1.07 15.81
CA TRP A 385 4.84 -0.62 16.94
C TRP A 385 4.70 0.90 17.11
N LEU A 386 4.68 1.62 15.98
CA LEU A 386 4.56 3.07 15.95
C LEU A 386 3.20 3.56 16.53
N LYS A 387 2.08 2.94 16.10
CA LYS A 387 0.73 3.22 16.59
C LYS A 387 0.67 3.01 18.11
N LEU A 388 1.21 1.87 18.58
CA LEU A 388 1.30 1.47 19.99
C LEU A 388 2.09 2.51 20.79
N GLY A 389 3.25 2.90 20.27
CA GLY A 389 4.11 3.89 20.92
C GLY A 389 3.39 5.22 21.06
N ARG A 390 2.72 5.67 20.00
CA ARG A 390 1.97 6.93 19.98
C ARG A 390 0.76 6.90 20.91
N LEU A 391 0.12 5.74 21.04
CA LEU A 391 -1.00 5.53 21.97
C LEU A 391 -0.49 5.60 23.39
N TYR A 392 0.61 4.83 23.69
CA TYR A 392 1.25 4.83 25.01
C TYR A 392 1.67 6.25 25.40
N MET A 393 2.35 6.97 24.49
CA MET A 393 2.80 8.35 24.71
C MET A 393 1.65 9.30 24.99
N GLY A 394 0.59 9.20 24.18
CA GLY A 394 -0.61 10.01 24.36
C GLY A 394 -1.31 9.77 25.69
N LEU A 395 -1.24 8.52 26.20
CA LEU A 395 -1.87 8.11 27.46
C LEU A 395 -0.94 8.23 28.68
N GLU A 396 0.19 8.94 28.54
CA GLU A 396 1.18 9.20 29.59
C GLU A 396 1.95 7.96 30.05
N HIS A 397 2.00 6.89 29.23
CA HIS A 397 2.75 5.68 29.52
C HIS A 397 4.08 5.78 28.75
N LYS A 398 4.92 6.72 29.17
CA LYS A 398 6.18 7.13 28.54
C LYS A 398 7.27 6.07 28.38
N ALA A 399 7.48 5.21 29.40
CA ALA A 399 8.47 4.13 29.27
C ALA A 399 8.03 3.12 28.20
N ALA A 400 6.75 2.68 28.24
CA ALA A 400 6.20 1.73 27.26
C ALA A 400 6.17 2.36 25.86
N GLY A 401 5.85 3.66 25.80
CA GLY A 401 5.81 4.44 24.54
C GLY A 401 7.18 4.50 23.90
N GLU A 402 8.20 4.85 24.71
CA GLU A 402 9.58 4.93 24.26
C GLU A 402 10.10 3.60 23.71
N LYS A 403 9.84 2.48 24.43
CA LYS A 403 10.18 1.12 24.00
C LYS A 403 9.55 0.79 22.63
N ALA A 404 8.23 1.03 22.49
CA ALA A 404 7.52 0.71 21.22
C ALA A 404 8.00 1.62 20.06
N LEU A 405 8.24 2.91 20.33
CA LEU A 405 8.74 3.82 19.29
C LEU A 405 10.14 3.42 18.81
N LYS A 406 11.00 2.92 19.71
CA LYS A 406 12.34 2.43 19.39
C LYS A 406 12.30 1.10 18.61
N LYS A 407 11.27 0.27 18.84
CA LYS A 407 11.05 -0.94 18.03
C LYS A 407 10.67 -0.54 16.61
N ALA A 408 9.81 0.51 16.44
CA ALA A 408 9.43 1.03 15.13
C ALA A 408 10.67 1.56 14.40
N ILE A 409 11.48 2.42 15.07
CA ILE A 409 12.73 2.99 14.55
C ILE A 409 13.71 1.94 14.05
N ALA A 410 13.94 0.88 14.83
CA ALA A 410 14.88 -0.20 14.46
C ALA A 410 14.55 -0.84 13.11
N ILE A 411 13.27 -1.10 12.83
CA ILE A 411 12.84 -1.66 11.56
C ILE A 411 12.96 -0.59 10.46
N MET A 412 12.48 0.63 10.76
CA MET A 412 12.43 1.75 9.79
C MET A 412 13.82 2.19 9.34
N GLU A 413 14.82 2.08 10.19
CA GLU A 413 16.21 2.43 9.83
C GLU A 413 16.68 1.57 8.65
N VAL A 414 16.24 0.30 8.59
CA VAL A 414 16.57 -0.60 7.50
C VAL A 414 15.72 -0.27 6.28
N ALA A 415 14.38 -0.23 6.44
CA ALA A 415 13.46 -0.01 5.32
C ALA A 415 13.45 1.40 4.74
N HIS A 416 13.42 2.43 5.60
CA HIS A 416 13.33 3.84 5.16
C HIS A 416 14.68 4.55 5.09
N GLY A 417 15.70 3.98 5.70
CA GLY A 417 17.02 4.60 5.78
C GLY A 417 17.15 5.32 7.12
N LYS A 418 18.35 5.29 7.74
CA LYS A 418 18.65 5.91 9.04
C LYS A 418 18.31 7.38 9.13
N ASP A 419 18.48 8.09 8.01
CA ASP A 419 18.28 9.54 7.83
C ASP A 419 16.88 9.94 7.36
N HIS A 420 15.91 9.00 7.33
CA HIS A 420 14.57 9.34 6.84
C HIS A 420 13.86 10.38 7.72
N PRO A 421 13.23 11.41 7.11
CA PRO A 421 12.44 12.38 7.89
C PRO A 421 11.46 11.73 8.89
N TYR A 422 10.85 10.56 8.57
CA TYR A 422 9.92 9.89 9.51
C TYR A 422 10.63 9.53 10.80
N ILE A 423 11.89 9.10 10.73
CA ILE A 423 12.65 8.70 11.91
C ILE A 423 12.99 9.91 12.75
N SER A 424 13.32 11.06 12.11
CA SER A 424 13.59 12.33 12.80
C SER A 424 12.34 12.77 13.56
N GLU A 425 11.13 12.58 12.97
CA GLU A 425 9.86 12.92 13.65
C GLU A 425 9.64 12.01 14.88
N ILE A 426 9.86 10.69 14.73
CA ILE A 426 9.71 9.73 15.85
C ILE A 426 10.68 10.03 16.99
N LYS A 427 11.95 10.33 16.67
CA LYS A 427 12.97 10.69 17.66
C LYS A 427 12.57 11.95 18.41
N GLN A 428 11.98 12.95 17.70
CA GLN A 428 11.49 14.20 18.28
C GLN A 428 10.35 13.88 19.24
N GLU A 429 9.52 12.85 18.93
CA GLU A 429 8.43 12.39 19.83
C GLU A 429 9.02 11.80 21.13
N ILE A 430 10.09 11.00 21.02
CA ILE A 430 10.78 10.42 22.17
C ILE A 430 11.43 11.54 23.02
N GLU A 431 12.13 12.50 22.36
CA GLU A 431 12.82 13.62 23.01
C GLU A 431 11.92 14.67 23.67
N SER A 432 10.79 15.06 23.01
CA SER A 432 9.82 16.04 23.53
C SER A 432 9.11 15.51 24.78
N HIS A 433 9.04 14.16 24.91
CA HIS A 433 8.42 13.49 26.05
C HIS A 433 9.28 12.33 26.59
N LEU B 4 -3.72 -1.30 -5.97
CA LEU B 4 -2.32 -0.98 -6.26
C LEU B 4 -1.32 -1.64 -5.26
N SER B 6 0.95 -2.48 -2.56
CA SER B 6 1.09 -1.87 -1.21
C SER B 6 1.40 -2.86 -0.08
N LYS B 7 1.44 -2.35 1.18
CA LYS B 7 1.68 -3.17 2.38
C LYS B 7 0.38 -3.59 3.06
N LYS B 8 -0.48 -2.61 3.42
CA LYS B 8 -1.77 -2.77 4.08
C LYS B 8 -2.84 -3.20 3.06
#